data_7FI1
#
_entry.id   7FI1
#
_cell.length_a   48.139
_cell.length_b   160.228
_cell.length_c   46.878
_cell.angle_alpha   90.000
_cell.angle_beta   90.000
_cell.angle_gamma   90.000
#
_symmetry.space_group_name_H-M   'P 21 21 2'
#
loop_
_entity.id
_entity.type
_entity.pdbx_description
1 polymer 'Polysaccharide lyase'
2 branched 'beta-D-mannopyranuronic acid-(1-4)-beta-D-mannopyranuronic acid-(1-4)-beta-D-mannopyranuronic acid'
3 non-polymer 'SULFATE ION'
4 water water
#
_entity_poly.entity_id   1
_entity_poly.type   'polypeptide(L)'
_entity_poly.pdbx_seq_one_letter_code
;ACPAPPPGQPDIRAIGYYTDKAGSVIDPALQQQNKDATAPLDRYAADVARMSDDYLRNGDPAAAQCTLSWLGAWADDGAM
LGQMIRVNNDQSFYMRQWMLDAVAMAYLKVHDQANPQQRARIDPWLQKLARANLAYWDNPKRRRNNHYYWGGLGVLATGL
ATDDDALWQAGHAAFQKGIDDIQDDGSLPLEMARGQRALHYHDYALAPLVMMAELARLRGQDWYASRNHAIDRLARRVIE
GSRDPAWFNQHTGAAQLPLQASGWVEFYRLRSPDGGVFDAAHARGPFHSPRLGGDLTLMATHGIVRTPLRHHHHHH
;
_entity_poly.pdbx_strand_id   A
#
loop_
_chem_comp.id
_chem_comp.type
_chem_comp.name
_chem_comp.formula
BEM D-saccharide, beta linking 'beta-D-mannopyranuronic acid' 'C6 H10 O7'
SO4 non-polymer 'SULFATE ION' 'O4 S -2'
#
# COMPACT_ATOMS: atom_id res chain seq x y z
N ALA A 1 14.75 -15.49 -21.19
CA ALA A 1 14.51 -15.93 -19.79
C ALA A 1 13.52 -14.96 -19.12
N CYS A 2 13.75 -13.65 -19.29
CA CYS A 2 12.90 -12.56 -18.73
C CYS A 2 11.76 -12.24 -19.68
N PRO A 3 10.50 -12.66 -19.39
CA PRO A 3 9.40 -12.49 -20.34
C PRO A 3 9.06 -11.02 -20.61
N ALA A 4 8.36 -10.75 -21.72
CA ALA A 4 8.00 -9.40 -22.17
C ALA A 4 6.94 -8.84 -21.22
N PRO A 5 7.16 -7.62 -20.69
CA PRO A 5 6.14 -6.94 -19.90
C PRO A 5 4.98 -6.54 -20.82
N PRO A 6 3.76 -6.32 -20.28
CA PRO A 6 2.70 -5.71 -21.06
C PRO A 6 3.07 -4.28 -21.47
N PRO A 7 2.50 -3.76 -22.57
CA PRO A 7 2.66 -2.34 -22.90
C PRO A 7 2.19 -1.46 -21.73
N GLY A 8 3.10 -0.62 -21.24
CA GLY A 8 2.77 0.40 -20.23
C GLY A 8 1.72 1.36 -20.78
N GLN A 9 0.48 1.26 -20.31
CA GLN A 9 -0.62 2.11 -20.84
C GLN A 9 -0.58 3.47 -20.15
N PRO A 10 -0.60 4.60 -20.90
CA PRO A 10 -0.53 5.93 -20.29
C PRO A 10 -1.78 6.36 -19.51
N ASP A 11 -2.91 5.72 -19.85
CA ASP A 11 -4.25 6.12 -19.38
C ASP A 11 -4.79 5.07 -18.39
N ILE A 12 -5.46 5.54 -17.32
CA ILE A 12 -6.25 4.68 -16.39
C ILE A 12 -7.73 5.08 -16.48
N ARG A 13 -8.62 4.10 -16.66
CA ARG A 13 -10.09 4.29 -16.63
C ARG A 13 -10.68 3.24 -15.68
N ALA A 14 -10.55 3.48 -14.37
CA ALA A 14 -11.12 2.61 -13.31
C ALA A 14 -12.53 3.11 -12.96
N ILE A 15 -13.28 2.34 -12.18
CA ILE A 15 -14.73 2.59 -11.90
C ILE A 15 -15.04 2.36 -10.40
N GLY A 16 -15.42 3.42 -9.69
CA GLY A 16 -15.97 3.34 -8.32
C GLY A 16 -17.26 2.54 -8.33
N TYR A 17 -17.48 1.70 -7.33
CA TYR A 17 -18.56 0.69 -7.37
C TYR A 17 -19.42 0.64 -6.12
N TYR A 18 -19.28 1.60 -5.21
CA TYR A 18 -20.18 1.67 -4.02
C TYR A 18 -21.39 2.52 -4.41
N THR A 19 -22.56 2.24 -3.86
CA THR A 19 -23.79 2.94 -4.28
C THR A 19 -24.31 3.85 -3.16
N ASP A 20 -23.69 3.79 -1.97
CA ASP A 20 -24.22 4.45 -0.74
C ASP A 20 -23.22 5.49 -0.23
N LYS A 21 -23.69 6.41 0.62
CA LYS A 21 -22.87 7.52 1.17
C LYS A 21 -21.68 6.93 1.94
N ALA A 22 -21.91 5.85 2.70
CA ALA A 22 -20.90 5.18 3.55
C ALA A 22 -19.81 4.49 2.71
N GLY A 23 -19.92 4.41 1.38
CA GLY A 23 -19.02 3.59 0.56
C GLY A 23 -18.89 2.17 1.12
N SER A 24 -20.01 1.47 1.30
CA SER A 24 -20.09 0.15 1.97
C SER A 24 -20.92 -0.89 1.19
N VAL A 25 -21.83 -0.46 0.30
CA VAL A 25 -22.67 -1.43 -0.46
C VAL A 25 -22.22 -1.42 -1.91
N ILE A 26 -21.76 -2.58 -2.38
CA ILE A 26 -21.12 -2.74 -3.71
C ILE A 26 -22.20 -2.99 -4.76
N ASP A 27 -22.08 -2.37 -5.94
CA ASP A 27 -22.82 -2.79 -7.15
C ASP A 27 -21.96 -3.83 -7.87
N PRO A 28 -22.35 -5.13 -7.89
CA PRO A 28 -21.49 -6.19 -8.42
C PRO A 28 -21.06 -5.97 -9.88
N ALA A 29 -21.99 -5.51 -10.71
CA ALA A 29 -21.75 -5.18 -12.13
C ALA A 29 -20.60 -4.18 -12.21
N LEU A 30 -20.69 -3.10 -11.43
CA LEU A 30 -19.65 -2.03 -11.36
C LEU A 30 -18.33 -2.60 -10.83
N GLN A 31 -18.40 -3.49 -9.84
CA GLN A 31 -17.21 -4.17 -9.26
C GLN A 31 -16.57 -5.00 -10.38
N GLN A 32 -17.37 -5.73 -11.15
CA GLN A 32 -16.88 -6.49 -12.33
C GLN A 32 -16.32 -5.54 -13.40
N GLN A 33 -17.01 -4.44 -13.71
CA GLN A 33 -16.51 -3.50 -14.73
C GLN A 33 -15.08 -3.05 -14.37
N ASN A 34 -14.90 -2.63 -13.12
CA ASN A 34 -13.63 -2.02 -12.64
C ASN A 34 -12.54 -3.10 -12.64
N LYS A 35 -12.87 -4.29 -12.10
CA LYS A 35 -11.97 -5.46 -12.10
C LYS A 35 -11.42 -5.71 -13.51
N ASP A 36 -12.28 -5.79 -14.53
CA ASP A 36 -11.85 -6.10 -15.93
C ASP A 36 -11.03 -4.92 -16.47
N ALA A 37 -11.43 -3.71 -16.11
CA ALA A 37 -10.76 -2.46 -16.54
C ALA A 37 -9.34 -2.39 -15.95
N THR A 38 -9.16 -2.88 -14.72
CA THR A 38 -7.88 -2.73 -13.94
C THR A 38 -7.05 -4.02 -14.00
N ALA A 39 -7.63 -5.13 -14.50
CA ALA A 39 -7.04 -6.50 -14.45
C ALA A 39 -5.64 -6.50 -15.05
N PRO A 40 -5.38 -5.79 -16.17
CA PRO A 40 -4.02 -5.64 -16.71
C PRO A 40 -3.08 -4.92 -15.75
N LEU A 41 -3.53 -3.81 -15.18
CA LEU A 41 -2.73 -3.02 -14.22
C LEU A 41 -2.37 -3.89 -13.01
N ASP A 42 -3.32 -4.68 -12.51
CA ASP A 42 -3.14 -5.61 -11.36
C ASP A 42 -2.20 -6.77 -11.74
N ARG A 43 -2.22 -7.26 -12.98
CA ARG A 43 -1.31 -8.34 -13.45
C ARG A 43 0.14 -7.87 -13.32
N TYR A 44 0.42 -6.64 -13.77
CA TYR A 44 1.75 -6.02 -13.70
C TYR A 44 2.23 -5.95 -12.24
N ALA A 45 1.41 -5.43 -11.33
CA ALA A 45 1.77 -5.25 -9.90
C ALA A 45 2.18 -6.60 -9.31
N ALA A 46 1.32 -7.61 -9.50
CA ALA A 46 1.56 -8.99 -9.04
C ALA A 46 2.88 -9.55 -9.62
N ASP A 47 3.19 -9.27 -10.90
CA ASP A 47 4.38 -9.84 -11.58
C ASP A 47 5.63 -9.23 -10.94
N VAL A 48 5.71 -7.91 -10.85
CA VAL A 48 6.92 -7.26 -10.27
C VAL A 48 7.04 -7.58 -8.77
N ALA A 49 5.90 -7.72 -8.07
CA ALA A 49 5.90 -8.17 -6.67
C ALA A 49 6.55 -9.56 -6.63
N ARG A 50 6.04 -10.48 -7.42
CA ARG A 50 6.51 -11.89 -7.40
C ARG A 50 7.97 -11.97 -7.83
N MET A 51 8.40 -11.26 -8.87
CA MET A 51 9.78 -11.41 -9.37
C MET A 51 10.75 -10.82 -8.35
N SER A 52 10.38 -9.69 -7.73
CA SER A 52 11.12 -9.07 -6.59
C SER A 52 11.06 -10.00 -5.37
N ASP A 53 9.94 -10.70 -5.20
CA ASP A 53 9.77 -11.78 -4.19
C ASP A 53 10.79 -12.88 -4.48
N ASP A 54 10.94 -13.30 -5.74
CA ASP A 54 11.82 -14.45 -6.07
C ASP A 54 13.26 -14.08 -5.73
N TYR A 55 13.66 -12.82 -5.98
CA TYR A 55 15.02 -12.32 -5.69
C TYR A 55 15.25 -12.31 -4.18
N LEU A 56 14.29 -11.80 -3.40
CA LEU A 56 14.49 -11.70 -1.94
C LEU A 56 14.61 -13.11 -1.36
N ARG A 57 13.84 -14.06 -1.89
CA ARG A 57 13.76 -15.44 -1.34
C ARG A 57 15.03 -16.26 -1.64
N ASN A 58 15.69 -16.10 -2.80
CA ASN A 58 16.78 -17.05 -3.15
C ASN A 58 18.00 -16.35 -3.76
N GLY A 59 18.05 -15.02 -3.75
CA GLY A 59 19.27 -14.28 -4.12
C GLY A 59 19.58 -14.23 -5.60
N ASP A 60 18.78 -14.86 -6.47
CA ASP A 60 19.11 -14.94 -7.92
C ASP A 60 19.04 -13.55 -8.53
N PRO A 61 20.13 -13.07 -9.18
CA PRO A 61 20.17 -11.71 -9.71
C PRO A 61 19.31 -11.58 -10.98
N ALA A 62 19.04 -12.69 -11.65
CA ALA A 62 18.17 -12.72 -12.86
C ALA A 62 16.74 -12.28 -12.50
N ALA A 63 16.21 -12.75 -11.38
CA ALA A 63 14.89 -12.32 -10.85
C ALA A 63 14.85 -10.81 -10.63
N ALA A 64 15.95 -10.24 -10.11
CA ALA A 64 16.08 -8.80 -9.82
C ALA A 64 16.22 -8.04 -11.14
N GLN A 65 16.96 -8.62 -12.07
CA GLN A 65 17.26 -8.04 -13.41
C GLN A 65 15.97 -8.07 -14.23
N CYS A 66 15.21 -9.16 -14.16
CA CYS A 66 13.93 -9.21 -14.89
C CYS A 66 12.97 -8.17 -14.31
N THR A 67 12.99 -7.92 -13.00
CA THR A 67 12.13 -6.90 -12.35
C THR A 67 12.56 -5.52 -12.84
N LEU A 68 13.85 -5.27 -12.90
CA LEU A 68 14.37 -3.95 -13.33
C LEU A 68 14.04 -3.75 -14.81
N SER A 69 14.08 -4.82 -15.58
CA SER A 69 13.73 -4.74 -17.02
C SER A 69 12.29 -4.25 -17.16
N TRP A 70 11.35 -4.88 -16.45
CA TRP A 70 9.89 -4.59 -16.54
C TRP A 70 9.59 -3.17 -16.10
N LEU A 71 10.21 -2.73 -15.00
CA LEU A 71 10.05 -1.34 -14.48
C LEU A 71 10.70 -0.39 -15.48
N GLY A 72 11.83 -0.81 -16.06
CA GLY A 72 12.51 -0.06 -17.14
C GLY A 72 11.57 0.20 -18.30
N ALA A 73 10.84 -0.83 -18.73
CA ALA A 73 9.94 -0.77 -19.90
C ALA A 73 8.75 0.14 -19.59
N TRP A 74 8.15 0.02 -18.41
CA TRP A 74 6.99 0.87 -18.06
C TRP A 74 7.37 2.36 -17.97
N ALA A 75 8.57 2.71 -17.49
CA ALA A 75 9.00 4.13 -17.35
C ALA A 75 9.07 4.73 -18.74
N ASP A 76 9.76 4.00 -19.63
CA ASP A 76 9.99 4.34 -21.06
C ASP A 76 8.66 4.54 -21.76
N ASP A 77 7.66 3.72 -21.46
CA ASP A 77 6.32 3.83 -22.10
C ASP A 77 5.46 4.86 -21.35
N GLY A 78 6.03 5.66 -20.45
CA GLY A 78 5.24 6.61 -19.62
C GLY A 78 3.94 5.99 -19.10
N ALA A 79 4.03 4.86 -18.39
CA ALA A 79 2.86 4.11 -17.89
C ALA A 79 2.18 4.91 -16.77
N MET A 80 0.87 5.14 -16.92
CA MET A 80 -0.01 5.87 -15.97
C MET A 80 0.50 7.30 -15.73
N LEU A 81 1.07 7.95 -16.73
CA LEU A 81 1.49 9.38 -16.59
C LEU A 81 0.59 10.27 -17.43
N GLY A 82 -0.52 9.69 -17.93
CA GLY A 82 -1.49 10.38 -18.78
C GLY A 82 -2.74 10.77 -18.01
N GLN A 83 -3.89 10.55 -18.63
CA GLN A 83 -5.20 10.97 -18.07
C GLN A 83 -5.67 9.92 -17.06
N MET A 84 -6.14 10.42 -15.91
CA MET A 84 -6.92 9.63 -14.94
C MET A 84 -8.39 9.85 -15.27
N ILE A 85 -8.98 8.98 -16.09
CA ILE A 85 -10.35 9.23 -16.62
C ILE A 85 -11.33 9.01 -15.48
N ARG A 86 -12.24 9.96 -15.26
CA ARG A 86 -13.31 9.94 -14.23
C ARG A 86 -14.59 9.30 -14.79
N VAL A 87 -14.92 8.06 -14.41
CA VAL A 87 -16.18 7.38 -14.82
C VAL A 87 -17.31 7.79 -13.87
N ASN A 88 -17.11 7.61 -12.56
CA ASN A 88 -18.11 8.02 -11.54
C ASN A 88 -17.41 8.42 -10.23
N ASN A 89 -16.06 8.44 -10.20
CA ASN A 89 -15.28 8.93 -9.04
C ASN A 89 -13.80 9.07 -9.42
N ASP A 90 -12.94 9.14 -8.38
CA ASP A 90 -11.48 9.35 -8.52
C ASP A 90 -10.80 7.98 -8.52
N GLN A 91 -11.53 6.94 -8.90
CA GLN A 91 -11.02 5.53 -8.86
C GLN A 91 -9.71 5.40 -9.64
N SER A 92 -9.57 6.12 -10.76
CA SER A 92 -8.36 6.08 -11.61
C SER A 92 -7.19 6.70 -10.86
N PHE A 93 -7.45 7.72 -10.05
CA PHE A 93 -6.38 8.38 -9.27
C PHE A 93 -5.88 7.42 -8.18
N TYR A 94 -6.81 6.73 -7.52
CA TYR A 94 -6.51 5.77 -6.43
C TYR A 94 -5.59 4.69 -7.00
N MET A 95 -5.94 4.14 -8.16
CA MET A 95 -5.14 3.08 -8.85
C MET A 95 -3.70 3.54 -9.03
N ARG A 96 -3.50 4.81 -9.38
CA ARG A 96 -2.13 5.33 -9.63
C ARG A 96 -1.35 5.37 -8.31
N GLN A 97 -2.03 5.51 -7.18
CA GLN A 97 -1.38 5.45 -5.83
C GLN A 97 -1.02 3.99 -5.54
N TRP A 98 -1.99 3.10 -5.73
CA TRP A 98 -1.84 1.65 -5.46
C TRP A 98 -0.74 1.10 -6.38
N MET A 99 -0.84 1.39 -7.67
CA MET A 99 0.20 0.92 -8.62
C MET A 99 1.57 1.47 -8.23
N LEU A 100 1.65 2.72 -7.77
CA LEU A 100 2.96 3.31 -7.40
C LEU A 100 3.50 2.54 -6.19
N ASP A 101 2.60 2.25 -5.24
CA ASP A 101 2.95 1.44 -4.05
C ASP A 101 3.58 0.14 -4.54
N ALA A 102 2.91 -0.55 -5.48
CA ALA A 102 3.37 -1.88 -5.95
C ALA A 102 4.71 -1.75 -6.70
N VAL A 103 4.82 -0.81 -7.64
CA VAL A 103 6.02 -0.71 -8.53
C VAL A 103 7.22 -0.13 -7.76
N ALA A 104 7.03 0.80 -6.83
CA ALA A 104 8.12 1.38 -6.01
C ALA A 104 8.62 0.37 -4.96
N MET A 105 7.73 -0.37 -4.27
CA MET A 105 8.21 -1.41 -3.31
C MET A 105 9.01 -2.47 -4.08
N ALA A 106 8.52 -2.89 -5.25
CA ALA A 106 9.21 -3.87 -6.12
C ALA A 106 10.61 -3.34 -6.46
N TYR A 107 10.72 -2.07 -6.79
CA TYR A 107 12.01 -1.43 -7.17
C TYR A 107 12.94 -1.48 -5.96
N LEU A 108 12.44 -1.08 -4.80
CA LEU A 108 13.25 -0.96 -3.55
C LEU A 108 13.89 -2.33 -3.27
N LYS A 109 13.13 -3.41 -3.46
CA LYS A 109 13.52 -4.81 -3.15
C LYS A 109 14.68 -5.28 -4.03
N VAL A 110 14.77 -4.77 -5.26
CA VAL A 110 15.76 -5.20 -6.29
C VAL A 110 16.76 -4.07 -6.58
N HIS A 111 16.65 -2.93 -5.88
CA HIS A 111 17.45 -1.70 -6.13
C HIS A 111 18.95 -1.95 -6.02
N ASP A 112 19.40 -2.85 -5.13
CA ASP A 112 20.83 -3.21 -4.96
C ASP A 112 21.36 -3.99 -6.18
N GLN A 113 20.50 -4.47 -7.09
CA GLN A 113 20.93 -5.19 -8.31
C GLN A 113 20.97 -4.20 -9.48
N ALA A 114 20.40 -3.02 -9.30
CA ALA A 114 20.29 -1.99 -10.35
C ALA A 114 21.68 -1.41 -10.67
N ASN A 115 21.91 -1.09 -11.95
CA ASN A 115 23.11 -0.35 -12.44
C ASN A 115 22.65 1.03 -12.90
N PRO A 116 23.59 1.98 -13.09
CA PRO A 116 23.23 3.39 -13.34
C PRO A 116 22.19 3.62 -14.43
N GLN A 117 22.20 2.81 -15.48
CA GLN A 117 21.33 2.99 -16.68
C GLN A 117 19.87 2.75 -16.27
N GLN A 118 19.62 1.67 -15.53
CA GLN A 118 18.25 1.31 -15.07
C GLN A 118 17.75 2.35 -14.05
N ARG A 119 18.64 2.81 -13.15
CA ARG A 119 18.35 3.92 -12.19
C ARG A 119 17.89 5.15 -12.97
N ALA A 120 18.56 5.47 -14.09
CA ALA A 120 18.31 6.70 -14.87
C ALA A 120 16.86 6.73 -15.38
N ARG A 121 16.30 5.59 -15.79
CA ARG A 121 14.95 5.49 -16.41
C ARG A 121 13.85 5.45 -15.34
N ILE A 122 14.05 4.70 -14.26
CA ILE A 122 12.99 4.30 -13.29
C ILE A 122 12.70 5.49 -12.36
N ASP A 123 13.75 6.12 -11.82
CA ASP A 123 13.62 7.19 -10.78
C ASP A 123 12.69 8.30 -11.27
N PRO A 124 12.98 8.95 -12.42
CA PRO A 124 12.14 10.06 -12.91
C PRO A 124 10.67 9.67 -13.12
N TRP A 125 10.42 8.41 -13.51
CA TRP A 125 9.06 7.84 -13.70
C TRP A 125 8.36 7.76 -12.34
N LEU A 126 9.03 7.17 -11.35
CA LEU A 126 8.47 6.99 -9.99
C LEU A 126 8.22 8.38 -9.40
N GLN A 127 9.23 9.24 -9.53
CA GLN A 127 9.21 10.64 -9.02
C GLN A 127 8.10 11.43 -9.72
N LYS A 128 7.87 11.20 -11.01
CA LYS A 128 6.76 11.88 -11.72
C LYS A 128 5.46 11.37 -11.12
N LEU A 129 5.32 10.06 -10.96
CA LEU A 129 4.10 9.48 -10.35
C LEU A 129 3.96 9.99 -8.91
N ALA A 130 5.03 9.95 -8.11
CA ALA A 130 5.00 10.32 -6.68
C ALA A 130 4.62 11.80 -6.50
N ARG A 131 5.20 12.72 -7.28
CA ARG A 131 4.84 14.17 -7.25
C ARG A 131 3.42 14.34 -7.77
N ALA A 132 3.01 13.55 -8.76
CA ALA A 132 1.64 13.70 -9.32
C ALA A 132 0.64 13.39 -8.21
N ASN A 133 0.90 12.32 -7.46
CA ASN A 133 0.05 11.80 -6.35
C ASN A 133 0.00 12.84 -5.23
N LEU A 134 1.16 13.35 -4.79
CA LEU A 134 1.23 14.40 -3.73
C LEU A 134 0.33 15.61 -4.11
N ALA A 135 0.37 16.01 -5.39
CA ALA A 135 -0.29 17.22 -5.94
C ALA A 135 -1.82 17.09 -5.92
N TYR A 136 -2.33 15.86 -5.89
CA TYR A 136 -3.77 15.62 -5.64
C TYR A 136 -4.10 16.08 -4.22
N TRP A 137 -3.25 15.74 -3.24
CA TRP A 137 -3.50 15.97 -1.78
C TRP A 137 -3.11 17.39 -1.37
N ASP A 138 -2.76 18.22 -2.34
CA ASP A 138 -2.46 19.66 -2.14
C ASP A 138 -3.79 20.40 -2.02
N ASN A 139 -4.83 19.89 -2.67
CA ASN A 139 -6.20 20.45 -2.56
C ASN A 139 -6.74 20.10 -1.17
N PRO A 140 -7.22 21.08 -0.37
CA PRO A 140 -7.70 20.81 0.98
C PRO A 140 -9.13 20.29 0.97
N LYS A 141 -9.74 20.37 -0.21
CA LYS A 141 -11.14 19.96 -0.49
C LYS A 141 -11.26 18.44 -0.45
N ARG A 142 -10.14 17.71 -0.48
CA ARG A 142 -10.15 16.23 -0.57
C ARG A 142 -9.80 15.60 0.77
N ARG A 143 -10.75 14.85 1.32
CA ARG A 143 -10.61 14.19 2.64
C ARG A 143 -9.39 13.27 2.63
N ARG A 144 -8.46 13.50 3.56
CA ARG A 144 -7.21 12.70 3.72
C ARG A 144 -7.50 11.48 4.60
N ASN A 145 -8.22 10.51 4.05
CA ASN A 145 -8.57 9.25 4.74
C ASN A 145 -7.51 8.21 4.40
N ASN A 146 -7.88 6.93 4.41
CA ASN A 146 -6.95 5.80 4.21
C ASN A 146 -6.25 5.97 2.86
N HIS A 147 -6.90 6.60 1.87
CA HIS A 147 -6.32 6.87 0.53
C HIS A 147 -5.02 7.65 0.66
N TYR A 148 -4.99 8.56 1.62
CA TYR A 148 -3.82 9.44 1.88
C TYR A 148 -2.69 8.59 2.46
N TYR A 149 -2.97 7.61 3.32
CA TYR A 149 -1.96 6.71 3.91
C TYR A 149 -1.42 5.78 2.81
N TRP A 150 -2.27 5.43 1.82
CA TRP A 150 -1.89 4.49 0.72
C TRP A 150 -1.03 5.24 -0.31
N GLY A 151 -1.42 6.47 -0.65
CA GLY A 151 -0.58 7.40 -1.42
C GLY A 151 0.77 7.60 -0.74
N GLY A 152 0.74 7.75 0.59
CA GLY A 152 1.95 8.04 1.38
C GLY A 152 3.02 6.97 1.18
N LEU A 153 2.60 5.70 1.11
CA LEU A 153 3.53 4.55 1.06
C LEU A 153 4.42 4.62 -0.19
N GLY A 154 3.80 4.75 -1.37
CA GLY A 154 4.50 4.81 -2.67
C GLY A 154 5.46 5.97 -2.69
N VAL A 155 4.96 7.15 -2.34
CA VAL A 155 5.75 8.42 -2.23
C VAL A 155 6.95 8.19 -1.32
N LEU A 156 6.77 7.50 -0.20
CA LEU A 156 7.87 7.25 0.76
C LEU A 156 8.87 6.29 0.12
N ALA A 157 8.39 5.20 -0.48
CA ALA A 157 9.25 4.16 -1.11
C ALA A 157 9.99 4.78 -2.30
N THR A 158 9.36 5.69 -3.06
CA THR A 158 9.98 6.43 -4.19
C THR A 158 11.04 7.37 -3.61
N GLY A 159 10.73 8.03 -2.50
CA GLY A 159 11.69 8.87 -1.74
C GLY A 159 12.91 8.08 -1.29
N LEU A 160 12.73 6.84 -0.82
CA LEU A 160 13.83 5.98 -0.32
C LEU A 160 14.62 5.38 -1.49
N ALA A 161 13.94 4.89 -2.52
CA ALA A 161 14.56 4.17 -3.66
C ALA A 161 15.35 5.15 -4.53
N THR A 162 14.77 6.32 -4.81
CA THR A 162 15.38 7.36 -5.67
C THR A 162 16.23 8.29 -4.80
N ASP A 163 16.16 8.13 -3.47
CA ASP A 163 16.88 8.98 -2.49
C ASP A 163 16.48 10.46 -2.70
N ASP A 164 15.17 10.75 -2.79
CA ASP A 164 14.61 12.12 -2.99
C ASP A 164 14.02 12.62 -1.67
N ASP A 165 14.80 13.34 -0.88
CA ASP A 165 14.49 13.65 0.54
C ASP A 165 13.21 14.48 0.69
N ALA A 166 12.78 15.23 -0.34
CA ALA A 166 11.49 15.95 -0.34
C ALA A 166 10.37 14.92 -0.25
N LEU A 167 10.45 13.89 -1.10
CA LEU A 167 9.44 12.80 -1.21
C LEU A 167 9.38 12.03 0.12
N TRP A 168 10.53 11.81 0.76
CA TRP A 168 10.53 11.05 2.03
C TRP A 168 9.76 11.87 3.08
N GLN A 169 10.00 13.18 3.16
CA GLN A 169 9.34 14.05 4.18
C GLN A 169 7.84 14.08 3.89
N ALA A 170 7.47 14.07 2.61
CA ALA A 170 6.05 14.00 2.19
C ALA A 170 5.45 12.67 2.66
N GLY A 171 6.12 11.54 2.39
CA GLY A 171 5.67 10.22 2.85
C GLY A 171 5.44 10.23 4.35
N HIS A 172 6.43 10.70 5.11
CA HIS A 172 6.42 10.79 6.60
C HIS A 172 5.20 11.61 7.06
N ALA A 173 4.93 12.72 6.38
CA ALA A 173 3.76 13.58 6.64
C ALA A 173 2.47 12.76 6.52
N ALA A 174 2.38 11.88 5.53
CA ALA A 174 1.18 11.03 5.33
C ALA A 174 1.05 10.11 6.56
N PHE A 175 2.15 9.47 6.94
CA PHE A 175 2.21 8.58 8.12
C PHE A 175 1.88 9.37 9.38
N GLN A 176 2.35 10.60 9.48
CA GLN A 176 2.11 11.43 10.68
C GLN A 176 0.61 11.64 10.82
N LYS A 177 -0.03 12.08 9.75
CA LYS A 177 -1.48 12.41 9.75
C LYS A 177 -2.29 11.16 10.12
N GLY A 178 -1.85 9.97 9.70
CA GLY A 178 -2.55 8.72 10.04
C GLY A 178 -2.50 8.48 11.53
N ILE A 179 -1.30 8.50 12.11
CA ILE A 179 -1.11 8.34 13.58
C ILE A 179 -1.94 9.41 14.31
N ASP A 180 -1.90 10.66 13.82
CA ASP A 180 -2.61 11.81 14.43
C ASP A 180 -4.13 11.61 14.36
N ASP A 181 -4.61 10.90 13.34
CA ASP A 181 -6.06 10.58 13.15
C ASP A 181 -6.52 9.50 14.14
N ILE A 182 -5.61 8.76 14.81
CA ILE A 182 -5.96 7.65 15.75
C ILE A 182 -6.50 8.25 17.06
N GLN A 183 -7.76 7.94 17.39
CA GLN A 183 -8.38 8.40 18.65
C GLN A 183 -7.98 7.44 19.78
N ASP A 184 -8.28 7.82 21.03
CA ASP A 184 -7.84 7.08 22.23
C ASP A 184 -8.41 5.66 22.22
N ASP A 185 -9.59 5.45 21.61
CA ASP A 185 -10.27 4.13 21.50
C ASP A 185 -9.70 3.28 20.35
N GLY A 186 -8.65 3.74 19.65
CA GLY A 186 -7.99 3.05 18.54
C GLY A 186 -8.64 3.31 17.19
N SER A 187 -9.70 4.14 17.15
CA SER A 187 -10.53 4.30 15.93
C SER A 187 -10.11 5.57 15.15
N LEU A 188 -10.46 5.63 13.85
CA LEU A 188 -10.23 6.74 12.87
C LEU A 188 -11.57 7.31 12.41
N PRO A 189 -11.93 8.57 12.79
CA PRO A 189 -13.23 9.21 12.48
C PRO A 189 -13.75 9.04 11.04
N LEU A 190 -12.85 9.20 10.07
CA LEU A 190 -13.13 9.05 8.62
C LEU A 190 -13.38 7.57 8.32
N GLU A 191 -12.75 6.66 9.01
CA GLU A 191 -13.01 5.24 8.65
C GLU A 191 -14.24 4.73 9.40
N MET A 192 -14.63 5.42 10.47
CA MET A 192 -15.82 5.05 11.30
C MET A 192 -17.10 5.31 10.53
N ALA A 193 -17.06 6.08 9.43
CA ALA A 193 -18.24 6.40 8.60
C ALA A 193 -18.50 5.34 7.50
N ARG A 194 -17.82 4.18 7.51
CA ARG A 194 -17.95 3.18 6.40
C ARG A 194 -18.88 2.02 6.80
N GLY A 195 -19.90 2.31 7.60
CA GLY A 195 -20.98 1.38 7.99
C GLY A 195 -20.47 -0.02 8.22
N GLN A 196 -21.00 -0.98 7.47
CA GLN A 196 -20.64 -2.41 7.63
C GLN A 196 -19.18 -2.65 7.23
N ARG A 197 -18.51 -1.73 6.51
CA ARG A 197 -17.08 -1.90 6.13
C ARG A 197 -16.14 -1.11 7.04
N ALA A 198 -16.65 -0.58 8.16
CA ALA A 198 -15.86 0.27 9.06
C ALA A 198 -14.63 -0.50 9.54
N LEU A 199 -14.81 -1.74 9.98
CA LEU A 199 -13.68 -2.55 10.52
C LEU A 199 -12.67 -2.86 9.40
N HIS A 200 -13.16 -3.19 8.20
CA HIS A 200 -12.30 -3.48 7.03
C HIS A 200 -11.39 -2.28 6.76
N TYR A 201 -11.94 -1.06 6.88
CA TYR A 201 -11.26 0.19 6.46
C TYR A 201 -10.25 0.62 7.52
N HIS A 202 -10.48 0.17 8.75
CA HIS A 202 -9.53 0.36 9.85
C HIS A 202 -8.29 -0.49 9.58
N ASP A 203 -8.49 -1.75 9.21
CA ASP A 203 -7.39 -2.70 8.89
C ASP A 203 -6.65 -2.18 7.65
N TYR A 204 -7.44 -1.66 6.72
CA TYR A 204 -7.04 -1.16 5.40
C TYR A 204 -6.28 0.14 5.56
N ALA A 205 -6.65 0.99 6.51
CA ALA A 205 -5.90 2.24 6.77
C ALA A 205 -4.58 1.86 7.44
N LEU A 206 -4.60 0.89 8.36
CA LEU A 206 -3.43 0.56 9.23
C LEU A 206 -2.28 -0.03 8.41
N ALA A 207 -2.55 -0.90 7.44
CA ALA A 207 -1.50 -1.67 6.72
C ALA A 207 -0.45 -0.77 6.09
N PRO A 208 -0.81 0.30 5.34
CA PRO A 208 0.20 1.18 4.73
C PRO A 208 0.92 2.01 5.82
N LEU A 209 0.26 2.32 6.93
CA LEU A 209 0.97 2.97 8.06
C LEU A 209 2.07 2.04 8.56
N VAL A 210 1.75 0.77 8.77
CA VAL A 210 2.73 -0.25 9.24
C VAL A 210 3.87 -0.41 8.22
N MET A 211 3.54 -0.42 6.93
CA MET A 211 4.59 -0.55 5.88
C MET A 211 5.49 0.70 5.89
N MET A 212 4.93 1.91 6.03
CA MET A 212 5.73 3.16 6.09
C MET A 212 6.69 3.07 7.30
N ALA A 213 6.15 2.72 8.46
CA ALA A 213 6.96 2.52 9.69
C ALA A 213 8.10 1.57 9.40
N GLU A 214 7.87 0.50 8.64
CA GLU A 214 8.91 -0.53 8.30
C GLU A 214 9.91 0.05 7.30
N LEU A 215 9.50 1.00 6.46
CA LEU A 215 10.41 1.70 5.53
C LEU A 215 11.35 2.63 6.33
N ALA A 216 10.83 3.31 7.36
CA ALA A 216 11.56 4.19 8.29
C ALA A 216 12.60 3.37 9.07
N ARG A 217 12.24 2.12 9.38
CA ARG A 217 13.14 1.19 10.09
C ARG A 217 14.32 0.80 9.20
N LEU A 218 14.18 0.90 7.87
CA LEU A 218 15.32 0.67 6.93
C LEU A 218 16.27 1.87 6.98
N ARG A 219 15.75 3.06 7.27
CA ARG A 219 16.56 4.31 7.27
C ARG A 219 17.09 4.56 8.68
N GLY A 220 16.82 3.66 9.62
CA GLY A 220 17.29 3.75 11.01
C GLY A 220 16.39 4.61 11.89
N GLN A 221 15.22 5.03 11.39
CA GLN A 221 14.22 5.77 12.22
C GLN A 221 13.37 4.75 13.02
N ASP A 222 12.49 5.26 13.90
CA ASP A 222 11.46 4.44 14.57
C ASP A 222 10.24 5.32 14.76
N TRP A 223 9.25 5.14 13.90
CA TRP A 223 8.02 5.96 13.88
C TRP A 223 6.99 5.34 14.81
N TYR A 224 7.18 4.07 15.18
CA TYR A 224 6.15 3.25 15.88
C TYR A 224 5.71 3.97 17.16
N ALA A 225 6.62 4.65 17.84
CA ALA A 225 6.34 5.29 19.14
C ALA A 225 5.50 6.56 18.93
N SER A 226 5.55 7.19 17.76
CA SER A 226 4.97 8.54 17.54
C SER A 226 3.57 8.61 18.19
N ARG A 227 3.26 9.76 18.83
CA ARG A 227 1.99 10.10 19.52
C ARG A 227 1.69 9.07 20.62
N ASN A 228 2.72 8.63 21.33
CA ASN A 228 2.57 7.78 22.56
C ASN A 228 1.99 6.41 22.16
N HIS A 229 2.63 5.76 21.18
CA HIS A 229 2.34 4.38 20.70
C HIS A 229 0.90 4.29 20.17
N ALA A 230 0.47 5.31 19.43
CA ALA A 230 -0.89 5.44 18.88
C ALA A 230 -1.17 4.27 17.94
N ILE A 231 -0.18 3.82 17.19
CA ILE A 231 -0.40 2.77 16.17
C ILE A 231 -0.86 1.48 16.89
N ASP A 232 -0.28 1.17 18.06
CA ASP A 232 -0.70 0.01 18.88
C ASP A 232 -2.21 0.08 19.16
N ARG A 233 -2.80 1.25 19.37
CA ARG A 233 -4.24 1.34 19.70
C ARG A 233 -5.03 0.84 18.49
N LEU A 234 -4.78 1.40 17.29
CA LEU A 234 -5.46 1.00 16.04
C LEU A 234 -5.20 -0.48 15.76
N ALA A 235 -3.96 -0.94 15.96
CA ALA A 235 -3.55 -2.36 15.82
C ALA A 235 -4.43 -3.26 16.69
N ARG A 236 -4.58 -2.88 17.97
CA ARG A 236 -5.43 -3.60 18.94
C ARG A 236 -6.88 -3.58 18.49
N ARG A 237 -7.37 -2.43 18.03
CA ARG A 237 -8.78 -2.23 17.67
C ARG A 237 -9.13 -3.13 16.46
N VAL A 238 -8.21 -3.25 15.51
CA VAL A 238 -8.42 -4.08 14.28
C VAL A 238 -8.30 -5.56 14.65
N ILE A 239 -7.30 -5.97 15.43
CA ILE A 239 -7.08 -7.42 15.70
C ILE A 239 -8.16 -7.92 16.65
N GLU A 240 -8.61 -7.10 17.61
CA GLU A 240 -9.74 -7.45 18.50
C GLU A 240 -11.00 -7.54 17.66
N GLY A 241 -11.09 -6.71 16.62
CA GLY A 241 -12.27 -6.56 15.76
C GLY A 241 -12.46 -7.74 14.83
N SER A 242 -11.37 -8.31 14.32
CA SER A 242 -11.41 -9.51 13.43
C SER A 242 -11.91 -10.73 14.20
N ARG A 243 -11.57 -10.79 15.51
CA ARG A 243 -12.09 -11.80 16.48
C ARG A 243 -13.56 -11.49 16.80
N ASP A 244 -13.81 -10.28 17.29
CA ASP A 244 -15.12 -9.86 17.86
C ASP A 244 -15.52 -8.48 17.33
N PRO A 245 -16.53 -8.41 16.45
CA PRO A 245 -16.93 -7.13 15.86
C PRO A 245 -17.94 -6.30 16.69
N ALA A 246 -18.19 -6.66 17.95
CA ALA A 246 -19.29 -6.05 18.76
C ALA A 246 -19.10 -4.54 18.87
N TRP A 247 -17.87 -4.08 19.10
CA TRP A 247 -17.54 -2.65 19.29
C TRP A 247 -17.90 -1.87 18.02
N PHE A 248 -17.51 -2.41 16.87
CA PHE A 248 -17.73 -1.79 15.54
C PHE A 248 -19.23 -1.80 15.21
N ASN A 249 -19.93 -2.83 15.69
CA ASN A 249 -21.38 -3.00 15.46
C ASN A 249 -22.10 -1.93 16.28
N GLN A 250 -21.67 -1.75 17.53
CA GLN A 250 -22.28 -0.76 18.45
C GLN A 250 -21.94 0.65 17.93
N HIS A 251 -20.65 0.93 17.68
CA HIS A 251 -20.18 2.31 17.41
C HIS A 251 -20.74 2.83 16.08
N THR A 252 -20.91 1.98 15.06
CA THR A 252 -21.33 2.41 13.72
C THR A 252 -22.83 2.17 13.53
N GLY A 253 -23.38 1.19 14.26
CA GLY A 253 -24.78 0.77 14.12
C GLY A 253 -24.98 -0.18 12.95
N ALA A 254 -23.91 -0.58 12.27
CA ALA A 254 -24.00 -1.53 11.14
C ALA A 254 -23.38 -2.86 11.55
N ALA A 255 -24.00 -3.96 11.15
CA ALA A 255 -23.43 -5.31 11.33
C ALA A 255 -22.21 -5.37 10.42
N GLN A 256 -21.04 -5.61 10.98
CA GLN A 256 -19.81 -5.63 10.17
C GLN A 256 -19.81 -6.88 9.30
N LEU A 257 -19.23 -6.76 8.12
CA LEU A 257 -18.81 -7.93 7.34
C LEU A 257 -17.60 -8.51 8.06
N PRO A 258 -17.43 -9.84 8.06
CA PRO A 258 -16.23 -10.42 8.65
C PRO A 258 -14.98 -9.91 7.92
N LEU A 259 -13.92 -9.69 8.70
CA LEU A 259 -12.58 -9.19 8.35
C LEU A 259 -11.58 -10.26 8.78
N GLN A 260 -10.61 -10.61 7.95
CA GLN A 260 -9.42 -11.35 8.45
C GLN A 260 -8.25 -10.39 8.32
N ALA A 261 -7.54 -10.12 9.40
CA ALA A 261 -6.50 -9.07 9.44
C ALA A 261 -5.53 -9.30 8.27
N SER A 262 -5.14 -8.23 7.58
CA SER A 262 -4.23 -8.26 6.40
C SER A 262 -2.76 -8.35 6.84
N GLY A 263 -1.83 -8.36 5.89
CA GLY A 263 -0.44 -8.82 6.06
C GLY A 263 0.44 -7.89 6.89
N TRP A 264 -0.10 -6.77 7.35
CA TRP A 264 0.62 -5.82 8.25
C TRP A 264 1.06 -6.56 9.51
N VAL A 265 0.29 -7.57 9.91
CA VAL A 265 0.55 -8.37 11.14
C VAL A 265 1.89 -9.10 11.03
N GLU A 266 2.35 -9.45 9.82
CA GLU A 266 3.63 -10.20 9.68
C GLU A 266 4.77 -9.42 10.35
N PHE A 267 4.84 -8.11 10.10
CA PHE A 267 5.87 -7.22 10.70
C PHE A 267 5.45 -6.85 12.12
N TYR A 268 4.19 -6.47 12.30
CA TYR A 268 3.77 -5.81 13.57
C TYR A 268 3.92 -6.78 14.73
N ARG A 269 3.73 -8.08 14.51
CA ARG A 269 3.87 -9.11 15.59
C ARG A 269 5.31 -9.13 16.12
N LEU A 270 6.31 -8.74 15.31
CA LEU A 270 7.73 -8.66 15.74
C LEU A 270 8.00 -7.36 16.50
N ARG A 271 7.30 -6.27 16.16
CA ARG A 271 7.57 -4.94 16.76
C ARG A 271 6.98 -4.85 18.17
N SER A 272 5.82 -5.47 18.41
CA SER A 272 5.13 -5.42 19.74
C SER A 272 4.19 -6.60 19.86
N PRO A 273 4.64 -7.77 20.37
CA PRO A 273 3.79 -8.97 20.40
C PRO A 273 2.44 -8.88 21.14
N ASP A 274 2.30 -7.98 22.13
CA ASP A 274 1.04 -7.68 22.88
C ASP A 274 0.47 -8.96 23.51
N GLY A 275 1.35 -9.87 23.95
CA GLY A 275 1.01 -11.25 24.39
C GLY A 275 1.09 -12.27 23.26
N GLY A 276 1.03 -11.82 22.00
CA GLY A 276 0.92 -12.63 20.78
C GLY A 276 -0.50 -12.63 20.24
N VAL A 277 -1.08 -11.45 20.10
CA VAL A 277 -2.50 -11.27 19.64
C VAL A 277 -2.59 -11.62 18.16
N PHE A 278 -1.47 -11.58 17.42
CA PHE A 278 -1.48 -11.73 15.94
C PHE A 278 -1.20 -13.19 15.54
N ASP A 279 -1.22 -14.13 16.48
CA ASP A 279 -0.73 -15.51 16.21
C ASP A 279 -1.70 -16.27 15.30
N ALA A 280 -3.00 -16.13 15.52
CA ALA A 280 -4.03 -16.75 14.66
C ALA A 280 -3.93 -16.20 13.25
N ALA A 281 -3.92 -14.87 13.13
CA ALA A 281 -3.81 -14.17 11.83
C ALA A 281 -2.51 -14.60 11.14
N HIS A 282 -1.38 -14.66 11.85
CA HIS A 282 -0.06 -15.07 11.27
C HIS A 282 -0.18 -16.50 10.67
N ALA A 283 -0.95 -17.38 11.32
CA ALA A 283 -1.13 -18.82 10.97
C ALA A 283 -1.87 -18.95 9.64
N ARG A 284 -2.61 -17.91 9.25
CA ARG A 284 -3.34 -17.78 7.96
C ARG A 284 -2.35 -17.46 6.82
N GLY A 285 -1.07 -17.25 7.11
CA GLY A 285 -0.06 -16.83 6.11
C GLY A 285 0.33 -17.95 5.14
N PRO A 286 1.20 -17.71 4.14
CA PRO A 286 1.89 -16.43 3.96
C PRO A 286 0.94 -15.36 3.40
N PHE A 287 1.29 -14.07 3.60
CA PHE A 287 0.51 -12.90 3.14
C PHE A 287 1.12 -12.33 1.88
N HIS A 288 0.34 -12.32 0.80
CA HIS A 288 0.75 -11.75 -0.51
C HIS A 288 -0.11 -10.54 -0.81
N SER A 289 0.54 -9.38 -0.97
CA SER A 289 -0.15 -8.09 -1.22
C SER A 289 0.75 -7.21 -2.08
N PRO A 290 0.67 -7.31 -3.43
CA PRO A 290 1.58 -6.55 -4.29
C PRO A 290 1.51 -5.05 -3.98
N ARG A 291 0.32 -4.54 -3.69
CA ARG A 291 0.12 -3.11 -3.30
C ARG A 291 0.91 -2.77 -2.01
N LEU A 292 1.06 -3.71 -1.08
CA LEU A 292 1.87 -3.49 0.15
C LEU A 292 3.34 -3.87 -0.02
N GLY A 293 3.74 -4.43 -1.15
CA GLY A 293 5.15 -4.79 -1.40
C GLY A 293 5.35 -6.26 -1.70
N GLY A 294 4.27 -7.06 -1.78
CA GLY A 294 4.34 -8.47 -2.22
C GLY A 294 4.16 -9.42 -1.05
N ASP A 295 5.13 -10.31 -0.83
CA ASP A 295 5.14 -11.39 0.20
C ASP A 295 5.55 -10.80 1.54
N LEU A 296 4.56 -10.42 2.34
CA LEU A 296 4.78 -9.68 3.60
C LEU A 296 5.47 -10.60 4.61
N THR A 297 5.12 -11.88 4.60
CA THR A 297 5.73 -12.92 5.48
C THR A 297 7.24 -12.98 5.23
N LEU A 298 7.64 -13.09 3.96
CA LEU A 298 9.06 -13.26 3.58
C LEU A 298 9.81 -12.00 4.01
N MET A 299 9.27 -10.83 3.65
CA MET A 299 9.86 -9.52 3.97
C MET A 299 9.89 -9.30 5.48
N ALA A 300 8.87 -9.66 6.25
CA ALA A 300 8.91 -9.50 7.73
C ALA A 300 10.05 -10.37 8.31
N THR A 301 10.16 -11.62 7.87
CA THR A 301 11.19 -12.56 8.39
C THR A 301 12.59 -12.12 7.92
N HIS A 302 12.79 -11.83 6.63
CA HIS A 302 14.15 -11.67 6.06
C HIS A 302 14.41 -10.24 5.59
N GLY A 303 13.47 -9.33 5.72
CA GLY A 303 13.74 -7.93 5.38
C GLY A 303 13.21 -7.57 4.01
N ILE A 304 12.94 -6.29 3.84
CA ILE A 304 12.42 -5.71 2.58
C ILE A 304 13.56 -5.63 1.55
N VAL A 305 14.81 -5.53 2.02
CA VAL A 305 16.01 -5.46 1.13
C VAL A 305 17.08 -6.42 1.66
N ARG A 306 17.85 -7.00 0.76
CA ARG A 306 18.88 -8.02 1.08
C ARG A 306 20.12 -7.36 1.69
N THR A 307 20.39 -6.10 1.31
CA THR A 307 21.51 -5.29 1.87
C THR A 307 21.06 -3.83 1.97
N PRO A 308 21.51 -3.10 3.00
CA PRO A 308 21.11 -1.69 3.20
C PRO A 308 21.40 -0.80 1.97
C1 BEM B . -13.81 4.12 -2.09
C2 BEM B . -13.37 3.32 -3.32
O2 BEM B . -12.39 4.08 -4.04
C3 BEM B . -12.73 1.97 -2.93
O3 BEM B . -12.22 1.32 -4.11
C4 BEM B . -11.65 2.12 -1.85
O4 BEM B . -11.51 0.88 -1.13
C5 BEM B . -12.11 3.15 -0.81
O5 BEM B . -12.58 4.36 -1.40
C6 BEM B . -11.05 3.55 0.19
O6B BEM B . -9.88 3.11 0.15
O6A BEM B . -11.44 4.34 1.06
O1 BEM B . -14.38 5.38 -2.39
C1 BEM B . -10.43 0.02 -1.57
C2 BEM B . -10.36 -1.09 -0.55
O2 BEM B . -11.71 -1.48 -0.24
C3 BEM B . -9.54 -2.27 -1.06
O3 BEM B . -9.82 -3.45 -0.26
C4 BEM B . -9.73 -2.60 -2.54
O4 BEM B . -8.65 -3.54 -2.78
C5 BEM B . -9.65 -1.34 -3.40
O5 BEM B . -10.64 -0.45 -2.90
C6 BEM B . -9.98 -1.48 -4.89
O6B BEM B . -9.16 -1.87 -5.76
O6A BEM B . -11.15 -1.17 -5.22
C1 BEM B . -9.04 -4.64 -3.60
C2 BEM B . -7.75 -5.16 -4.24
O2 BEM B . -6.93 -5.57 -3.16
C3 BEM B . -8.04 -6.33 -5.19
O3 BEM B . -6.79 -6.87 -5.65
C4 BEM B . -8.95 -7.36 -4.47
O4 BEM B . -9.32 -8.49 -5.31
C5 BEM B . -10.21 -6.65 -3.92
O5 BEM B . -9.86 -5.61 -2.98
C6 BEM B . -11.13 -7.65 -3.27
O6B BEM B . -11.94 -8.22 -4.03
O6A BEM B . -11.04 -7.90 -2.03
S SO4 C . 16.97 -3.76 -19.39
O1 SO4 C . 16.29 -4.96 -18.97
O2 SO4 C . 16.59 -2.65 -18.55
O3 SO4 C . 16.60 -3.46 -20.76
O4 SO4 C . 18.39 -3.97 -19.29
#